data_2PEY
#
_entry.id   2PEY
#
_cell.length_a   43.430
_cell.length_b   59.750
_cell.length_c   138.920
_cell.angle_alpha   90.00
_cell.angle_beta   90.00
_cell.angle_gamma   90.00
#
_symmetry.space_group_name_H-M   'P 21 21 21'
#
loop_
_entity.id
_entity.type
_entity.pdbx_description
1 polymer "Bifunctional 3'-phosphoadenosine 5'-phosphosulfate synthetase 1 (PAPS synthetase 1) (PAPSS 1) (Sulfurylase kinase 1) (SK1) (SK 1)"
2 non-polymer "ADENOSINE-5'-PHOSPHOSULFATE"
3 non-polymer "2'-DEOXYADENOSINE-5'-DIPHOSPHATE"
4 water water
#
_entity_poly.entity_id   1
_entity_poly.type   'polypeptide(L)'
_entity_poly.pdbx_seq_one_letter_code
;GHMRGCTVWLTGLSGAGKTTVSMALEEYLVCHGIPCYTLDGDNIRQGLNKNLGFSPEDREENVRRIAEVAKLFADAGLVC
ITSFISPYTQDRNNARQIHEGASLPFFEVFVDAPLHVCEQRDVKGLYKKARAGEIKGFTGIDSEYEKPEAPELVLKTDSC
DVNDCVQQVVELLQERDIV
;
_entity_poly.pdbx_strand_id   A,B
#
loop_
_chem_comp.id
_chem_comp.type
_chem_comp.name
_chem_comp.formula
ADX RNA linking ADENOSINE-5'-PHOSPHOSULFATE 'C10 H14 N5 O10 P S'
DAT non-polymer 2'-DEOXYADENOSINE-5'-DIPHOSPHATE 'C10 H15 N5 O9 P2'
#
# COMPACT_ATOMS: atom_id res chain seq x y z
N ARG A 4 14.78 -4.31 7.40
CA ARG A 4 15.46 -3.55 6.30
C ARG A 4 14.49 -3.27 5.14
N GLY A 5 13.41 -2.57 5.44
CA GLY A 5 12.49 -2.17 4.37
C GLY A 5 13.02 -0.99 3.59
N CYS A 6 12.60 -0.86 2.33
CA CYS A 6 12.94 0.30 1.51
C CYS A 6 11.98 0.37 0.33
N THR A 7 12.03 1.49 -0.39
CA THR A 7 11.22 1.69 -1.59
C THR A 7 12.13 1.87 -2.81
N VAL A 8 11.89 1.04 -3.81
CA VAL A 8 12.55 1.16 -5.11
C VAL A 8 11.57 1.87 -6.06
N TRP A 9 11.77 3.17 -6.25
CA TRP A 9 10.85 4.00 -7.01
C TRP A 9 11.24 4.08 -8.50
N LEU A 10 10.54 3.32 -9.36
CA LEU A 10 10.80 3.40 -10.81
C LEU A 10 10.08 4.62 -11.37
N THR A 11 10.68 5.21 -12.40
CA THR A 11 10.10 6.31 -13.15
C THR A 11 10.62 6.30 -14.59
N GLY A 12 9.78 6.66 -15.55
CA GLY A 12 10.14 6.55 -16.96
C GLY A 12 8.92 6.54 -17.87
N LEU A 13 9.14 6.85 -19.15
CA LEU A 13 8.09 6.89 -20.18
C LEU A 13 7.30 5.57 -20.27
N SER A 14 6.09 5.65 -20.82
CA SER A 14 5.32 4.45 -21.14
C SER A 14 6.09 3.54 -22.11
N GLY A 15 6.20 2.26 -21.76
CA GLY A 15 6.98 1.30 -22.52
C GLY A 15 8.51 1.34 -22.36
N ALA A 16 9.02 2.03 -21.35
CA ALA A 16 10.47 2.11 -21.17
C ALA A 16 10.97 0.83 -20.51
N GLY A 17 10.10 0.18 -19.75
CA GLY A 17 10.45 -1.12 -19.16
C GLY A 17 10.16 -1.27 -17.67
N LYS A 18 9.36 -0.38 -17.10
CA LYS A 18 9.08 -0.37 -15.65
C LYS A 18 8.42 -1.68 -15.18
N THR A 19 7.35 -2.07 -15.83
CA THR A 19 6.65 -3.32 -15.49
C THR A 19 7.55 -4.53 -15.66
N THR A 20 8.25 -4.58 -16.78
CA THR A 20 9.15 -5.68 -17.07
C THR A 20 10.24 -5.81 -16.00
N VAL A 21 10.92 -4.71 -15.69
CA VAL A 21 11.94 -4.69 -14.63
C VAL A 21 11.37 -5.02 -13.23
N SER A 22 10.26 -4.39 -12.84
CA SER A 22 9.67 -4.64 -11.52
C SER A 22 9.36 -6.11 -11.31
N MET A 23 8.80 -6.76 -12.33
CA MET A 23 8.43 -8.16 -12.22
C MET A 23 9.63 -9.08 -12.12
N ALA A 24 10.67 -8.79 -12.92
CA ALA A 24 11.89 -9.57 -12.87
C ALA A 24 12.67 -9.27 -11.58
N LEU A 25 12.59 -8.04 -11.08
CA LEU A 25 13.20 -7.69 -9.80
C LEU A 25 12.48 -8.38 -8.64
N GLU A 26 11.14 -8.35 -8.66
CA GLU A 26 10.35 -9.06 -7.67
C GLU A 26 10.60 -10.57 -7.68
N GLU A 27 10.68 -11.19 -8.85
CA GLU A 27 11.03 -12.63 -8.91
C GLU A 27 12.39 -12.95 -8.28
N TYR A 28 13.41 -12.20 -8.67
CA TYR A 28 14.73 -12.40 -8.11
C TYR A 28 14.71 -12.32 -6.58
N LEU A 29 14.03 -11.32 -6.03
CA LEU A 29 14.01 -11.11 -4.58
C LEU A 29 13.29 -12.22 -3.83
N VAL A 30 12.16 -12.67 -4.35
CA VAL A 30 11.40 -13.72 -3.71
C VAL A 30 12.25 -14.99 -3.65
N CYS A 31 12.85 -15.37 -4.77
CA CYS A 31 13.70 -16.56 -4.85
C CYS A 31 14.90 -16.49 -3.92
N HIS A 32 15.31 -15.28 -3.55
CA HIS A 32 16.45 -15.11 -2.66
C HIS A 32 15.99 -14.80 -1.22
N GLY A 33 14.71 -15.07 -0.98
CA GLY A 33 14.08 -14.97 0.34
C GLY A 33 14.04 -13.57 0.93
N ILE A 34 13.88 -12.56 0.09
CA ILE A 34 13.71 -11.18 0.53
C ILE A 34 12.25 -10.76 0.29
N PRO A 35 11.50 -10.46 1.37
CA PRO A 35 10.11 -10.02 1.21
C PRO A 35 10.00 -8.75 0.36
N CYS A 36 9.07 -8.74 -0.59
CA CYS A 36 8.85 -7.56 -1.44
C CYS A 36 7.42 -7.58 -1.97
N TYR A 37 6.99 -6.43 -2.47
CA TYR A 37 5.69 -6.34 -3.10
C TYR A 37 5.76 -5.19 -4.09
N THR A 38 5.06 -5.33 -5.23
CA THR A 38 5.09 -4.31 -6.27
C THR A 38 3.77 -3.54 -6.31
N LEU A 39 3.87 -2.24 -6.33
CA LEU A 39 2.74 -1.36 -6.57
C LEU A 39 2.78 -0.93 -8.04
N ASP A 40 1.69 -1.15 -8.77
CA ASP A 40 1.62 -0.81 -10.20
C ASP A 40 0.19 -0.45 -10.60
N GLY A 41 0.01 -0.10 -11.88
CA GLY A 41 -1.28 0.36 -12.42
C GLY A 41 -2.39 -0.63 -12.10
N ASP A 42 -2.09 -1.92 -12.22
CA ASP A 42 -3.06 -2.96 -11.98
C ASP A 42 -3.62 -3.00 -10.56
N ASN A 43 -2.74 -2.99 -9.55
CA ASN A 43 -3.25 -3.03 -8.18
C ASN A 43 -3.59 -1.68 -7.56
N ILE A 44 -3.13 -0.58 -8.16
CA ILE A 44 -3.35 0.74 -7.60
C ILE A 44 -4.46 1.52 -8.31
N ARG A 45 -4.37 1.65 -9.65
CA ARG A 45 -5.24 2.58 -10.37
C ARG A 45 -6.70 2.05 -10.53
N GLN A 46 -6.92 0.83 -10.06
CA GLN A 46 -8.23 0.22 -10.04
C GLN A 46 -8.72 -0.06 -8.63
N GLY A 47 -7.90 0.28 -7.64
CA GLY A 47 -8.28 0.10 -6.24
C GLY A 47 -8.25 1.42 -5.52
N LEU A 48 -7.19 1.66 -4.77
CA LEU A 48 -7.02 2.94 -4.02
C LEU A 48 -7.16 4.18 -4.89
N ASN A 49 -6.63 4.08 -6.11
CA ASN A 49 -6.60 5.21 -7.02
C ASN A 49 -7.59 5.09 -8.18
N LYS A 50 -8.67 4.35 -7.96
CA LYS A 50 -9.71 4.20 -8.97
C LYS A 50 -10.41 5.52 -9.22
N ASN A 51 -10.37 6.41 -8.23
CA ASN A 51 -11.02 7.71 -8.36
C ASN A 51 -10.07 8.85 -8.79
N LEU A 52 -9.06 8.49 -9.59
CA LEU A 52 -8.08 9.45 -10.10
C LEU A 52 -7.86 9.23 -11.59
N GLY A 53 -7.80 10.33 -12.35
CA GLY A 53 -7.56 10.27 -13.78
C GLY A 53 -6.12 10.60 -14.10
N PHE A 54 -5.92 11.41 -15.14
CA PHE A 54 -4.59 11.72 -15.69
C PHE A 54 -4.31 13.21 -15.90
N SER A 55 -5.17 14.06 -15.35
CA SER A 55 -4.85 15.48 -15.25
C SER A 55 -3.64 15.66 -14.34
N PRO A 56 -2.83 16.74 -14.57
CA PRO A 56 -1.67 17.05 -13.73
C PRO A 56 -1.97 16.90 -12.24
N GLU A 57 -3.14 17.36 -11.80
CA GLU A 57 -3.54 17.28 -10.38
C GLU A 57 -3.80 15.85 -9.93
N ASP A 58 -4.40 15.05 -10.80
CA ASP A 58 -4.68 13.68 -10.43
C ASP A 58 -3.44 12.79 -10.49
N ARG A 59 -2.52 13.05 -11.42
CA ARG A 59 -1.17 12.42 -11.37
C ARG A 59 -0.37 12.87 -10.13
N GLU A 60 -0.44 14.17 -9.77
CA GLU A 60 0.14 14.60 -8.50
C GLU A 60 -0.38 13.78 -7.29
N GLU A 61 -1.69 13.54 -7.23
CA GLU A 61 -2.32 12.81 -6.10
C GLU A 61 -2.10 11.31 -6.22
N ASN A 62 -2.05 10.84 -7.45
CA ASN A 62 -1.71 9.45 -7.70
C ASN A 62 -0.39 9.11 -7.01
N VAL A 63 0.66 9.83 -7.37
CA VAL A 63 2.02 9.64 -6.84
C VAL A 63 2.08 9.85 -5.32
N ARG A 64 1.39 10.87 -4.80
CA ARG A 64 1.35 11.12 -3.37
C ARG A 64 0.81 9.94 -2.58
N ARG A 65 -0.35 9.41 -2.98
CA ARG A 65 -0.90 8.26 -2.29
C ARG A 65 0.01 7.05 -2.41
N ILE A 66 0.60 6.85 -3.59
CA ILE A 66 1.52 5.73 -3.84
C ILE A 66 2.76 5.86 -2.94
N ALA A 67 3.32 7.07 -2.86
CA ALA A 67 4.42 7.35 -1.94
C ALA A 67 4.06 6.99 -0.50
N GLU A 68 2.90 7.43 -0.02
CA GLU A 68 2.45 7.09 1.34
C GLU A 68 2.32 5.57 1.53
N VAL A 69 1.78 4.90 0.52
CA VAL A 69 1.54 3.47 0.62
C VAL A 69 2.88 2.72 0.65
N ALA A 70 3.78 3.06 -0.28
CA ALA A 70 5.13 2.50 -0.33
C ALA A 70 5.84 2.64 1.03
N LYS A 71 5.76 3.84 1.63
CA LYS A 71 6.35 4.13 2.93
C LYS A 71 5.88 3.15 4.01
N LEU A 72 4.59 2.78 3.96
CA LEU A 72 4.03 1.75 4.86
C LEU A 72 4.60 0.37 4.63
N PHE A 73 4.71 -0.05 3.36
CA PHE A 73 5.33 -1.35 3.06
C PHE A 73 6.81 -1.38 3.47
N ALA A 74 7.52 -0.29 3.22
CA ALA A 74 8.91 -0.17 3.64
C ALA A 74 9.02 -0.23 5.17
N ASP A 75 8.14 0.52 5.83
CA ASP A 75 8.05 0.52 7.30
C ASP A 75 7.78 -0.90 7.83
N ALA A 76 7.04 -1.71 7.07
CA ALA A 76 6.65 -3.07 7.45
C ALA A 76 7.77 -4.06 7.21
N GLY A 77 8.84 -3.64 6.56
CA GLY A 77 9.98 -4.53 6.34
C GLY A 77 10.13 -5.12 4.95
N LEU A 78 9.33 -4.63 3.99
CA LEU A 78 9.39 -5.10 2.62
C LEU A 78 10.19 -4.18 1.71
N VAL A 79 10.78 -4.76 0.69
CA VAL A 79 11.25 -4.00 -0.46
C VAL A 79 10.02 -3.71 -1.32
N CYS A 80 9.62 -2.45 -1.35
CA CYS A 80 8.46 -2.02 -2.13
C CYS A 80 8.88 -1.41 -3.47
N ILE A 81 8.55 -2.10 -4.54
CA ILE A 81 8.84 -1.66 -5.91
C ILE A 81 7.63 -0.89 -6.40
N THR A 82 7.80 0.37 -6.78
CA THR A 82 6.70 1.05 -7.41
C THR A 82 6.99 1.18 -8.90
N SER A 83 5.95 1.04 -9.73
CA SER A 83 6.08 0.97 -11.20
C SER A 83 5.13 1.98 -11.86
N PHE A 84 5.49 3.26 -11.82
CA PHE A 84 4.61 4.33 -12.31
C PHE A 84 5.43 5.32 -13.10
N ILE A 85 4.79 5.96 -14.10
CA ILE A 85 5.49 6.90 -14.96
C ILE A 85 6.10 7.98 -14.09
N SER A 86 5.31 8.44 -13.12
CA SER A 86 5.69 9.53 -12.20
C SER A 86 6.48 10.64 -12.93
N PRO A 87 5.81 11.35 -13.86
CA PRO A 87 6.48 12.25 -14.80
C PRO A 87 6.99 13.57 -14.22
N TYR A 88 6.63 13.89 -12.97
CA TYR A 88 6.90 15.22 -12.41
C TYR A 88 7.89 15.23 -11.25
N THR A 89 8.96 16.01 -11.40
CA THR A 89 10.10 16.06 -10.45
C THR A 89 9.67 16.36 -9.03
N GLN A 90 8.85 17.40 -8.88
CA GLN A 90 8.28 17.83 -7.61
C GLN A 90 7.64 16.68 -6.83
N ASP A 91 6.85 15.86 -7.53
CA ASP A 91 6.11 14.79 -6.87
C ASP A 91 7.04 13.65 -6.49
N ARG A 92 8.02 13.35 -7.36
CA ARG A 92 9.01 12.33 -7.02
C ARG A 92 9.88 12.79 -5.84
N ASN A 93 10.25 14.07 -5.84
CA ASN A 93 10.98 14.63 -4.69
C ASN A 93 10.16 14.62 -3.41
N ASN A 94 8.87 14.89 -3.52
CA ASN A 94 7.97 14.77 -2.37
C ASN A 94 7.90 13.33 -1.84
N ALA A 95 7.84 12.35 -2.76
CA ALA A 95 7.81 10.93 -2.38
C ALA A 95 9.08 10.49 -1.63
N ARG A 96 10.22 11.02 -2.08
CA ARG A 96 11.52 10.84 -1.42
C ARG A 96 11.48 11.43 -0.01
N GLN A 97 11.00 12.66 0.11
CA GLN A 97 10.84 13.36 1.40
C GLN A 97 10.05 12.58 2.43
N ILE A 98 8.95 11.98 1.99
CA ILE A 98 8.07 11.16 2.82
C ILE A 98 8.86 10.02 3.49
N HIS A 99 9.71 9.36 2.71
CA HIS A 99 10.56 8.29 3.21
C HIS A 99 11.69 8.83 4.09
N GLU A 100 12.28 9.94 3.67
CA GLU A 100 13.32 10.60 4.44
C GLU A 100 12.83 10.99 5.82
N GLY A 101 11.65 11.63 5.89
CA GLY A 101 11.03 11.98 7.17
C GLY A 101 10.86 10.77 8.09
N ALA A 102 10.49 9.64 7.51
CA ALA A 102 10.23 8.42 8.27
C ALA A 102 11.47 7.56 8.46
N SER A 103 12.63 8.11 8.09
CA SER A 103 13.94 7.42 8.06
C SER A 103 14.00 6.14 7.23
N LEU A 104 13.26 6.07 6.12
CA LEU A 104 13.35 4.87 5.26
C LEU A 104 14.16 5.10 3.98
N PRO A 105 14.99 4.14 3.59
CA PRO A 105 15.73 4.22 2.35
C PRO A 105 14.82 4.28 1.13
N PHE A 106 15.10 5.25 0.26
CA PHE A 106 14.37 5.52 -0.98
C PHE A 106 15.37 5.55 -2.15
N PHE A 107 15.15 4.69 -3.16
CA PHE A 107 15.99 4.64 -4.35
C PHE A 107 15.24 4.98 -5.63
N GLU A 108 15.47 6.18 -6.14
CA GLU A 108 14.92 6.62 -7.41
C GLU A 108 15.69 6.01 -8.56
N VAL A 109 15.01 5.16 -9.33
CA VAL A 109 15.59 4.43 -10.46
C VAL A 109 14.99 4.89 -11.77
N PHE A 110 15.74 5.69 -12.52
CA PHE A 110 15.30 6.18 -13.82
C PHE A 110 15.39 5.07 -14.85
N VAL A 111 14.22 4.51 -15.21
CA VAL A 111 14.12 3.51 -16.28
C VAL A 111 14.06 4.25 -17.60
N ASP A 112 15.21 4.30 -18.27
CA ASP A 112 15.47 5.27 -19.33
C ASP A 112 15.68 4.64 -20.72
N ALA A 113 14.61 4.58 -21.50
CA ALA A 113 14.68 4.31 -22.95
C ALA A 113 14.20 5.56 -23.68
N PRO A 114 14.83 5.91 -24.82
CA PRO A 114 14.47 7.16 -25.51
C PRO A 114 13.03 7.10 -26.04
N LEU A 115 12.40 8.25 -26.22
CA LEU A 115 11.01 8.27 -26.68
C LEU A 115 10.83 7.41 -27.92
N HIS A 116 11.82 7.43 -28.80
CA HIS A 116 11.74 6.77 -30.09
C HIS A 116 11.67 5.26 -29.90
N VAL A 117 12.50 4.74 -29.00
CA VAL A 117 12.46 3.29 -28.69
C VAL A 117 11.12 2.86 -28.07
N CYS A 118 10.58 3.69 -27.16
CA CYS A 118 9.31 3.44 -26.51
C CYS A 118 8.21 3.34 -27.53
N GLU A 119 8.22 4.23 -28.51
CA GLU A 119 7.17 4.20 -29.52
C GLU A 119 7.33 3.18 -30.61
N GLN A 120 8.55 2.67 -30.81
CA GLN A 120 8.78 1.54 -31.70
C GLN A 120 8.32 0.27 -30.99
N ARG A 121 8.50 0.23 -29.68
CA ARG A 121 7.97 -0.86 -28.87
C ARG A 121 6.45 -0.82 -28.82
N ASP A 122 5.88 0.40 -28.82
CA ASP A 122 4.41 0.65 -28.67
C ASP A 122 3.65 -0.57 -28.16
N VAL A 123 3.87 -0.88 -26.88
CA VAL A 123 3.48 -2.18 -26.32
C VAL A 123 1.96 -2.40 -26.34
N LYS A 124 1.19 -1.32 -26.14
CA LYS A 124 -0.27 -1.40 -26.14
C LYS A 124 -0.95 -0.54 -27.21
N GLY A 125 -0.22 -0.12 -28.25
CA GLY A 125 -0.80 0.71 -29.33
C GLY A 125 -1.10 2.15 -28.94
N LEU A 126 -0.60 2.57 -27.78
CA LEU A 126 -0.97 3.87 -27.23
C LEU A 126 -0.29 5.05 -27.89
N TYR A 127 0.99 4.93 -28.23
CA TYR A 127 1.67 6.04 -28.91
C TYR A 127 1.02 6.41 -30.25
N LYS A 128 0.62 5.40 -31.02
CA LYS A 128 -0.05 5.65 -32.30
C LYS A 128 -1.36 6.44 -32.11
N LYS A 129 -2.17 6.04 -31.15
CA LYS A 129 -3.39 6.78 -30.79
C LYS A 129 -3.06 8.20 -30.34
N ALA A 130 -2.06 8.32 -29.46
CA ALA A 130 -1.63 9.62 -28.96
C ALA A 130 -1.23 10.53 -30.09
N ARG A 131 -0.43 10.02 -31.03
CA ARG A 131 -0.01 10.77 -32.22
C ARG A 131 -1.20 11.20 -33.10
N ALA A 132 -2.18 10.32 -33.27
CA ALA A 132 -3.40 10.62 -34.05
C ALA A 132 -4.41 11.55 -33.33
N GLY A 133 -4.11 11.90 -32.08
CA GLY A 133 -5.00 12.72 -31.25
C GLY A 133 -6.21 11.94 -30.74
N GLU A 134 -6.20 10.61 -30.90
CA GLU A 134 -7.27 9.75 -30.42
C GLU A 134 -7.15 9.50 -28.91
N ILE A 135 -5.96 9.77 -28.38
CA ILE A 135 -5.72 9.89 -26.94
C ILE A 135 -5.02 11.25 -26.72
N LYS A 136 -5.50 12.01 -25.72
CA LYS A 136 -4.99 13.34 -25.47
C LYS A 136 -4.26 13.40 -24.11
N GLY A 137 -3.14 14.09 -24.08
CA GLY A 137 -2.38 14.30 -22.86
C GLY A 137 -1.55 13.09 -22.49
N PHE A 138 -1.11 12.33 -23.49
CA PHE A 138 -0.28 11.18 -23.27
C PHE A 138 1.15 11.59 -23.02
N THR A 139 1.75 10.99 -21.99
CA THR A 139 3.10 11.35 -21.57
C THR A 139 4.11 11.19 -22.72
N GLY A 140 4.94 12.22 -22.94
CA GLY A 140 6.00 12.16 -23.96
C GLY A 140 5.54 12.62 -25.34
N ILE A 141 4.23 12.67 -25.57
CA ILE A 141 3.65 13.15 -26.84
C ILE A 141 2.93 14.46 -26.57
N ASP A 142 2.06 14.47 -25.57
CA ASP A 142 1.14 15.59 -25.36
C ASP A 142 1.22 16.17 -23.94
N SER A 143 2.01 15.54 -23.08
CA SER A 143 2.33 16.14 -21.79
C SER A 143 3.73 15.71 -21.40
N GLU A 144 4.35 16.48 -20.51
CA GLU A 144 5.78 16.34 -20.29
C GLU A 144 6.19 15.13 -19.45
N TYR A 145 7.40 14.65 -19.71
CA TYR A 145 8.09 13.77 -18.78
C TYR A 145 9.35 14.51 -18.34
N GLU A 146 9.47 14.80 -17.04
CA GLU A 146 10.66 15.49 -16.50
C GLU A 146 11.66 14.47 -15.97
N LYS A 147 12.78 14.29 -16.68
CA LYS A 147 13.74 13.24 -16.32
C LYS A 147 14.41 13.54 -14.98
N PRO A 148 14.67 12.48 -14.17
CA PRO A 148 15.42 12.65 -12.93
C PRO A 148 16.75 13.37 -13.17
N GLU A 149 17.07 14.31 -12.29
CA GLU A 149 18.35 15.01 -12.34
C GLU A 149 19.45 14.21 -11.62
N ALA A 150 19.09 13.51 -10.55
CA ALA A 150 20.08 12.76 -9.75
C ALA A 150 19.55 11.45 -9.21
N PRO A 151 19.12 10.55 -10.09
CA PRO A 151 18.56 9.33 -9.54
C PRO A 151 19.69 8.48 -8.96
N GLU A 152 19.35 7.55 -8.07
CA GLU A 152 20.31 6.60 -7.53
C GLU A 152 20.87 5.64 -8.57
N LEU A 153 20.11 5.43 -9.64
CA LEU A 153 20.49 4.50 -10.70
C LEU A 153 19.73 4.83 -11.97
N VAL A 154 20.40 4.67 -13.09
CA VAL A 154 19.77 4.86 -14.37
C VAL A 154 19.84 3.51 -15.05
N LEU A 155 18.67 2.97 -15.43
CA LEU A 155 18.62 1.73 -16.21
C LEU A 155 18.41 2.07 -17.70
N LYS A 156 19.46 1.79 -18.47
CA LYS A 156 19.46 1.96 -19.92
C LYS A 156 18.82 0.76 -20.59
N THR A 157 17.49 0.72 -20.60
CA THR A 157 16.77 -0.44 -21.10
C THR A 157 16.84 -0.67 -22.62
N ASP A 158 17.33 0.30 -23.38
CA ASP A 158 17.63 0.05 -24.80
C ASP A 158 19.01 -0.55 -25.06
N SER A 159 19.89 -0.51 -24.06
CA SER A 159 21.25 -1.05 -24.22
C SER A 159 21.61 -2.22 -23.30
N CYS A 160 20.89 -2.38 -22.18
CA CYS A 160 21.01 -3.55 -21.30
C CYS A 160 19.78 -4.43 -21.38
N ASP A 161 19.93 -5.74 -21.33
CA ASP A 161 18.75 -6.59 -21.28
C ASP A 161 18.15 -6.65 -19.86
N VAL A 162 16.97 -7.27 -19.74
CA VAL A 162 16.23 -7.31 -18.48
C VAL A 162 17.10 -7.77 -17.28
N ASN A 163 17.78 -8.90 -17.44
CA ASN A 163 18.66 -9.45 -16.41
C ASN A 163 19.83 -8.57 -16.01
N ASP A 164 20.42 -7.85 -16.98
CA ASP A 164 21.45 -6.85 -16.66
C ASP A 164 20.86 -5.77 -15.76
N CYS A 165 19.64 -5.35 -16.09
CA CYS A 165 18.94 -4.30 -15.34
C CYS A 165 18.64 -4.74 -13.91
N VAL A 166 18.08 -5.93 -13.76
CA VAL A 166 17.80 -6.46 -12.43
C VAL A 166 19.07 -6.52 -11.59
N GLN A 167 20.14 -7.02 -12.19
CA GLN A 167 21.41 -7.15 -11.47
C GLN A 167 21.95 -5.82 -10.95
N GLN A 168 21.84 -4.77 -11.77
CA GLN A 168 22.21 -3.40 -11.35
C GLN A 168 21.41 -2.88 -10.15
N VAL A 169 20.11 -3.15 -10.13
CA VAL A 169 19.28 -2.76 -8.99
C VAL A 169 19.70 -3.57 -7.74
N VAL A 170 19.86 -4.89 -7.90
CA VAL A 170 20.37 -5.72 -6.81
C VAL A 170 21.71 -5.22 -6.26
N GLU A 171 22.64 -4.87 -7.16
CA GLU A 171 23.91 -4.22 -6.82
C GLU A 171 23.73 -3.00 -5.90
N LEU A 172 22.83 -2.09 -6.28
CA LEU A 172 22.52 -0.92 -5.45
C LEU A 172 22.00 -1.37 -4.10
N LEU A 173 21.10 -2.35 -4.09
CA LEU A 173 20.54 -2.85 -2.82
C LEU A 173 21.60 -3.47 -1.90
N GLN A 174 22.58 -4.14 -2.49
CA GLN A 174 23.70 -4.72 -1.75
C GLN A 174 24.61 -3.62 -1.19
N GLU A 175 25.02 -2.68 -2.03
CA GLU A 175 25.87 -1.56 -1.61
C GLU A 175 25.27 -0.71 -0.49
N ARG A 176 23.94 -0.64 -0.47
CA ARG A 176 23.22 0.16 0.51
C ARG A 176 22.70 -0.68 1.67
N ASP A 177 23.14 -1.94 1.72
CA ASP A 177 22.91 -2.81 2.87
C ASP A 177 21.46 -3.23 3.11
N ILE A 178 20.67 -3.27 2.04
CA ILE A 178 19.32 -3.81 2.10
C ILE A 178 19.32 -5.34 1.93
N VAL A 179 20.18 -5.86 1.07
CA VAL A 179 20.21 -7.31 0.82
C VAL A 179 21.60 -7.97 0.89
N ARG B 4 -3.76 -17.07 2.80
CA ARG B 4 -2.38 -16.48 2.84
C ARG B 4 -2.35 -15.25 3.75
N GLY B 5 -2.50 -14.06 3.17
CA GLY B 5 -2.71 -12.85 3.97
C GLY B 5 -4.18 -12.66 4.30
N CYS B 6 -4.48 -11.72 5.19
CA CYS B 6 -5.87 -11.36 5.51
C CYS B 6 -5.93 -9.98 6.11
N THR B 7 -7.16 -9.47 6.25
CA THR B 7 -7.40 -8.26 7.04
C THR B 7 -8.21 -8.52 8.31
N VAL B 8 -7.63 -8.19 9.45
CA VAL B 8 -8.34 -8.14 10.72
C VAL B 8 -8.86 -6.69 10.94
N TRP B 9 -10.16 -6.52 10.75
CA TRP B 9 -10.78 -5.21 10.79
C TRP B 9 -11.42 -4.93 12.18
N LEU B 10 -10.64 -4.32 13.07
CA LEU B 10 -11.16 -3.96 14.39
C LEU B 10 -12.15 -2.83 14.30
N THR B 11 -13.20 -2.91 15.12
CA THR B 11 -14.18 -1.81 15.19
C THR B 11 -14.76 -1.74 16.61
N GLY B 12 -14.99 -0.54 17.14
CA GLY B 12 -15.54 -0.47 18.47
C GLY B 12 -15.29 0.90 19.05
N LEU B 13 -15.92 1.19 20.18
CA LEU B 13 -15.90 2.52 20.78
C LEU B 13 -14.52 2.93 21.24
N SER B 14 -14.36 4.23 21.39
CA SER B 14 -13.13 4.80 21.93
C SER B 14 -12.89 4.25 23.33
N GLY B 15 -11.69 3.71 23.57
CA GLY B 15 -11.39 3.10 24.86
C GLY B 15 -11.86 1.65 25.00
N ALA B 16 -12.43 1.08 23.93
CA ALA B 16 -12.91 -0.30 23.97
C ALA B 16 -11.77 -1.30 23.97
N GLY B 17 -10.63 -0.95 23.37
CA GLY B 17 -9.46 -1.84 23.42
C GLY B 17 -8.75 -2.17 22.11
N LYS B 18 -9.07 -1.42 21.04
CA LYS B 18 -8.51 -1.68 19.70
C LYS B 18 -6.99 -1.50 19.64
N THR B 19 -6.47 -0.35 20.09
CA THR B 19 -5.01 -0.13 20.18
C THR B 19 -4.32 -1.25 20.96
N THR B 20 -4.86 -1.57 22.13
CA THR B 20 -4.28 -2.60 22.97
C THR B 20 -4.30 -4.00 22.37
N VAL B 21 -5.44 -4.40 21.83
CA VAL B 21 -5.53 -5.70 21.16
C VAL B 21 -4.59 -5.76 19.94
N SER B 22 -4.60 -4.73 19.12
CA SER B 22 -3.78 -4.76 17.88
C SER B 22 -2.27 -4.87 18.21
N MET B 23 -1.81 -4.09 19.19
CA MET B 23 -0.41 -4.15 19.64
C MET B 23 -0.07 -5.54 20.16
N ALA B 24 -0.98 -6.14 20.93
CA ALA B 24 -0.72 -7.45 21.52
C ALA B 24 -0.73 -8.54 20.47
N LEU B 25 -1.68 -8.44 19.53
CA LEU B 25 -1.80 -9.41 18.45
C LEU B 25 -0.60 -9.34 17.50
N GLU B 26 -0.16 -8.12 17.17
CA GLU B 26 0.98 -7.94 16.27
C GLU B 26 2.24 -8.58 16.89
N GLU B 27 2.44 -8.33 18.19
CA GLU B 27 3.52 -8.95 18.97
C GLU B 27 3.50 -10.46 18.91
N TYR B 28 2.33 -11.07 19.14
CA TYR B 28 2.19 -12.52 19.13
C TYR B 28 2.55 -13.05 17.75
N LEU B 29 1.94 -12.48 16.71
CA LEU B 29 2.20 -12.90 15.34
C LEU B 29 3.66 -12.83 14.91
N VAL B 30 4.31 -11.71 15.20
CA VAL B 30 5.71 -11.52 14.82
C VAL B 30 6.63 -12.53 15.50
N CYS B 31 6.44 -12.76 16.80
CA CYS B 31 7.29 -13.70 17.50
C CYS B 31 6.97 -15.17 17.15
N HIS B 32 5.89 -15.38 16.39
CA HIS B 32 5.63 -16.70 15.79
C HIS B 32 6.02 -16.71 14.32
N GLY B 33 6.76 -15.69 13.89
CA GLY B 33 7.26 -15.60 12.52
C GLY B 33 6.21 -15.35 11.44
N ILE B 34 5.07 -14.77 11.85
CA ILE B 34 4.00 -14.47 10.90
C ILE B 34 4.02 -12.97 10.61
N PRO B 35 4.20 -12.59 9.32
CA PRO B 35 4.24 -11.18 8.96
C PRO B 35 2.89 -10.46 9.15
N CYS B 36 2.92 -9.21 9.59
CA CYS B 36 1.71 -8.48 9.93
C CYS B 36 2.07 -7.02 10.10
N TYR B 37 1.11 -6.16 9.83
CA TYR B 37 1.31 -4.73 9.98
C TYR B 37 -0.03 -4.14 10.39
N THR B 38 0.02 -3.09 11.21
CA THR B 38 -1.17 -2.43 11.72
C THR B 38 -1.32 -1.08 11.07
N LEU B 39 -2.56 -0.77 10.66
CA LEU B 39 -2.92 0.56 10.18
C LEU B 39 -3.71 1.22 11.28
N ASP B 40 -3.28 2.40 11.74
CA ASP B 40 -4.04 3.11 12.76
C ASP B 40 -3.95 4.61 12.45
N GLY B 41 -4.51 5.42 13.34
CA GLY B 41 -4.48 6.88 13.13
C GLY B 41 -3.07 7.41 13.05
N ASP B 42 -2.14 6.78 13.78
CA ASP B 42 -0.75 7.24 13.81
C ASP B 42 -0.04 7.15 12.46
N ASN B 43 -0.26 6.08 11.70
CA ASN B 43 0.39 5.94 10.38
C ASN B 43 -0.49 6.27 9.15
N ILE B 44 -1.77 6.52 9.36
CA ILE B 44 -2.70 6.85 8.26
C ILE B 44 -3.14 8.34 8.24
N ARG B 45 -3.53 8.86 9.40
CA ARG B 45 -4.21 10.15 9.49
C ARG B 45 -3.39 11.33 8.94
N GLN B 46 -2.09 11.37 9.22
CA GLN B 46 -1.22 12.45 8.74
C GLN B 46 -0.36 12.08 7.53
N GLY B 47 -0.66 10.94 6.91
CA GLY B 47 0.01 10.51 5.69
C GLY B 47 -0.99 10.37 4.57
N LEU B 48 -1.37 9.13 4.29
CA LEU B 48 -2.26 8.87 3.17
C LEU B 48 -3.57 9.67 3.20
N ASN B 49 -4.15 9.82 4.39
CA ASN B 49 -5.42 10.52 4.52
C ASN B 49 -5.33 11.95 5.02
N LYS B 50 -4.15 12.56 4.90
CA LYS B 50 -3.94 13.93 5.40
C LYS B 50 -4.75 15.00 4.68
N ASN B 51 -5.18 14.70 3.45
CA ASN B 51 -5.95 15.66 2.67
C ASN B 51 -7.45 15.38 2.81
N LEU B 52 -7.83 14.75 3.93
CA LEU B 52 -9.23 14.45 4.20
C LEU B 52 -9.68 15.05 5.52
N GLY B 53 -10.82 15.74 5.49
CA GLY B 53 -11.34 16.38 6.69
C GLY B 53 -12.42 15.61 7.41
N PHE B 54 -13.28 16.37 8.10
CA PHE B 54 -14.31 15.81 8.99
C PHE B 54 -15.71 15.68 8.37
N SER B 55 -15.86 16.07 7.10
CA SER B 55 -17.15 15.98 6.42
C SER B 55 -17.53 14.52 6.20
N PRO B 56 -18.84 14.21 6.10
CA PRO B 56 -19.33 12.87 5.83
C PRO B 56 -18.70 12.20 4.61
N GLU B 57 -18.47 12.97 3.56
CA GLU B 57 -17.91 12.45 2.31
C GLU B 57 -16.45 12.04 2.50
N ASP B 58 -15.73 12.86 3.24
CA ASP B 58 -14.34 12.59 3.58
C ASP B 58 -14.16 11.42 4.53
N ARG B 59 -15.13 11.21 5.42
CA ARG B 59 -15.05 10.08 6.34
C ARG B 59 -15.30 8.77 5.62
N GLU B 60 -16.17 8.80 4.62
CA GLU B 60 -16.41 7.64 3.76
C GLU B 60 -15.17 7.32 2.92
N GLU B 61 -14.49 8.36 2.44
CA GLU B 61 -13.29 8.20 1.61
C GLU B 61 -12.10 7.76 2.47
N ASN B 62 -12.06 8.25 3.71
CA ASN B 62 -11.10 7.81 4.72
C ASN B 62 -11.12 6.28 4.85
N VAL B 63 -12.31 5.74 5.12
CA VAL B 63 -12.47 4.29 5.28
C VAL B 63 -12.13 3.54 3.99
N ARG B 64 -12.61 4.05 2.85
CA ARG B 64 -12.39 3.43 1.55
C ARG B 64 -10.88 3.24 1.26
N ARG B 65 -10.09 4.27 1.52
CA ARG B 65 -8.62 4.20 1.33
C ARG B 65 -7.96 3.23 2.29
N ILE B 66 -8.41 3.23 3.54
CA ILE B 66 -7.81 2.35 4.53
C ILE B 66 -8.07 0.94 4.06
N ALA B 67 -9.33 0.68 3.68
CA ALA B 67 -9.70 -0.66 3.19
C ALA B 67 -8.88 -1.07 1.95
N GLU B 68 -8.65 -0.14 1.03
CA GLU B 68 -7.85 -0.47 -0.15
C GLU B 68 -6.39 -0.74 0.18
N VAL B 69 -5.84 -0.04 1.17
CA VAL B 69 -4.46 -0.29 1.62
C VAL B 69 -4.35 -1.62 2.35
N ALA B 70 -5.31 -1.90 3.23
CA ALA B 70 -5.37 -3.19 3.93
C ALA B 70 -5.41 -4.37 2.98
N LYS B 71 -6.21 -4.25 1.92
CA LYS B 71 -6.29 -5.27 0.86
C LYS B 71 -4.95 -5.54 0.15
N LEU B 72 -4.18 -4.51 -0.07
CA LEU B 72 -2.81 -4.65 -0.63
C LEU B 72 -1.91 -5.44 0.33
N PHE B 73 -2.01 -5.19 1.64
CA PHE B 73 -1.21 -5.92 2.62
C PHE B 73 -1.63 -7.37 2.67
N ALA B 74 -2.94 -7.61 2.58
CA ALA B 74 -3.45 -9.01 2.55
C ALA B 74 -2.97 -9.72 1.28
N ASP B 75 -3.02 -8.99 0.17
CA ASP B 75 -2.58 -9.52 -1.13
C ASP B 75 -1.07 -9.81 -1.11
N ALA B 76 -0.31 -8.90 -0.49
CA ALA B 76 1.12 -9.09 -0.21
C ALA B 76 1.44 -10.28 0.67
N GLY B 77 0.46 -10.72 1.45
CA GLY B 77 0.57 -11.96 2.25
C GLY B 77 0.68 -11.67 3.73
N LEU B 78 0.49 -10.41 4.12
CA LEU B 78 0.56 -10.05 5.56
C LEU B 78 -0.80 -10.12 6.24
N VAL B 79 -0.79 -10.32 7.55
CA VAL B 79 -2.00 -10.18 8.33
C VAL B 79 -2.05 -8.69 8.57
N CYS B 80 -3.04 -8.05 8.00
CA CYS B 80 -3.15 -6.61 8.19
C CYS B 80 -4.19 -6.30 9.28
N ILE B 81 -3.78 -5.60 10.34
CA ILE B 81 -4.71 -5.26 11.42
C ILE B 81 -5.05 -3.79 11.26
N THR B 82 -6.34 -3.47 11.19
CA THR B 82 -6.76 -2.09 11.14
C THR B 82 -7.45 -1.76 12.47
N SER B 83 -7.17 -0.57 12.98
CA SER B 83 -7.57 -0.20 14.34
C SER B 83 -8.12 1.21 14.35
N PHE B 84 -9.37 1.34 13.92
CA PHE B 84 -10.11 2.62 13.91
C PHE B 84 -11.49 2.33 14.47
N ILE B 85 -12.13 3.35 15.02
CA ILE B 85 -13.46 3.20 15.61
C ILE B 85 -14.38 2.60 14.55
N SER B 86 -14.38 3.22 13.38
CA SER B 86 -15.02 2.67 12.20
C SER B 86 -16.53 2.63 12.44
N PRO B 87 -17.16 3.79 12.78
CA PRO B 87 -18.51 3.76 13.39
C PRO B 87 -19.71 3.31 12.52
N TYR B 88 -19.64 3.47 11.19
CA TYR B 88 -20.82 3.26 10.34
C TYR B 88 -20.85 1.91 9.62
N THR B 89 -22.01 1.24 9.68
CA THR B 89 -22.20 -0.06 9.05
C THR B 89 -21.90 -0.03 7.54
N GLN B 90 -22.39 0.99 6.83
CA GLN B 90 -22.16 1.16 5.39
C GLN B 90 -20.67 1.15 5.03
N ASP B 91 -19.88 1.82 5.86
CA ASP B 91 -18.44 1.89 5.66
C ASP B 91 -17.71 0.56 5.89
N ARG B 92 -18.10 -0.18 6.93
CA ARG B 92 -17.49 -1.49 7.19
C ARG B 92 -17.86 -2.53 6.10
N ASN B 93 -19.12 -2.51 5.65
CA ASN B 93 -19.62 -3.31 4.49
C ASN B 93 -18.84 -3.01 3.21
N ASN B 94 -18.59 -1.72 2.96
CA ASN B 94 -17.71 -1.28 1.86
C ASN B 94 -16.29 -1.87 1.93
N ALA B 95 -15.67 -1.73 3.11
CA ALA B 95 -14.36 -2.34 3.40
C ALA B 95 -14.39 -3.85 3.15
N ARG B 96 -15.45 -4.47 3.67
CA ARG B 96 -15.67 -5.88 3.49
C ARG B 96 -15.74 -6.24 2.00
N GLN B 97 -16.46 -5.44 1.21
CA GLN B 97 -16.74 -5.85 -0.19
C GLN B 97 -15.50 -5.73 -1.05
N ILE B 98 -14.72 -4.69 -0.76
CA ILE B 98 -13.39 -4.50 -1.34
C ILE B 98 -12.49 -5.75 -1.24
N HIS B 99 -12.50 -6.40 -0.08
CA HIS B 99 -11.78 -7.68 0.14
C HIS B 99 -12.43 -8.92 -0.49
N GLU B 100 -13.73 -9.07 -0.30
CA GLU B 100 -14.43 -10.29 -0.65
C GLU B 100 -14.55 -10.41 -2.16
N GLY B 101 -14.62 -9.26 -2.83
CA GLY B 101 -14.61 -9.18 -4.29
C GLY B 101 -13.33 -9.65 -4.95
N ALA B 102 -12.24 -9.70 -4.18
CA ALA B 102 -10.94 -10.21 -4.60
C ALA B 102 -10.60 -11.54 -3.94
N SER B 103 -11.55 -12.07 -3.17
CA SER B 103 -11.37 -13.30 -2.41
C SER B 103 -10.24 -13.21 -1.41
N LEU B 104 -10.10 -12.05 -0.78
CA LEU B 104 -9.12 -11.89 0.28
C LEU B 104 -9.84 -11.97 1.62
N PRO B 105 -9.40 -12.91 2.49
CA PRO B 105 -10.04 -13.10 3.81
C PRO B 105 -10.16 -11.80 4.60
N PHE B 106 -11.37 -11.53 5.06
CA PHE B 106 -11.70 -10.31 5.79
C PHE B 106 -12.47 -10.66 7.07
N PHE B 107 -11.91 -10.23 8.20
CA PHE B 107 -12.54 -10.49 9.50
C PHE B 107 -12.98 -9.21 10.20
N GLU B 108 -14.28 -9.06 10.35
CA GLU B 108 -14.83 -7.91 11.06
C GLU B 108 -14.84 -8.29 12.53
N VAL B 109 -14.05 -7.59 13.35
CA VAL B 109 -13.88 -7.99 14.74
C VAL B 109 -14.46 -6.89 15.63
N PHE B 110 -15.53 -7.20 16.36
CA PHE B 110 -16.21 -6.21 17.18
C PHE B 110 -15.46 -6.16 18.53
N VAL B 111 -14.81 -5.04 18.82
CA VAL B 111 -14.12 -4.89 20.09
C VAL B 111 -15.15 -4.27 21.03
N ASP B 112 -15.79 -5.12 21.83
CA ASP B 112 -17.06 -4.79 22.50
C ASP B 112 -16.93 -4.65 24.02
N ALA B 113 -16.95 -3.40 24.50
CA ALA B 113 -17.05 -3.10 25.91
C ALA B 113 -18.12 -2.03 26.03
N PRO B 114 -18.93 -2.08 27.10
CA PRO B 114 -20.00 -1.10 27.24
C PRO B 114 -19.47 0.35 27.33
N LEU B 115 -20.27 1.31 26.86
CA LEU B 115 -19.89 2.71 26.96
C LEU B 115 -19.43 3.08 28.36
N HIS B 116 -20.19 2.63 29.37
CA HIS B 116 -19.84 2.88 30.76
C HIS B 116 -18.38 2.54 31.04
N VAL B 117 -17.93 1.35 30.62
CA VAL B 117 -16.55 0.93 30.83
C VAL B 117 -15.56 1.79 30.03
N CYS B 118 -15.89 2.05 28.77
CA CYS B 118 -15.03 2.83 27.90
C CYS B 118 -14.68 4.17 28.51
N GLU B 119 -15.64 4.77 29.23
CA GLU B 119 -15.39 6.06 29.87
C GLU B 119 -14.58 5.91 31.16
N GLN B 120 -14.91 4.87 31.94
CA GLN B 120 -14.15 4.50 33.14
C GLN B 120 -12.70 4.19 32.80
N ARG B 121 -12.42 4.03 31.51
CA ARG B 121 -11.07 3.78 31.01
C ARG B 121 -10.33 5.09 30.77
N ASP B 122 -10.89 5.93 29.88
CA ASP B 122 -10.39 7.31 29.62
C ASP B 122 -8.87 7.39 29.28
N VAL B 123 -8.48 6.69 28.21
CA VAL B 123 -7.10 6.62 27.73
C VAL B 123 -6.72 7.85 26.88
N GLU B 144 -22.58 8.71 15.70
CA GLU B 144 -22.33 7.82 16.82
C GLU B 144 -22.17 6.39 16.28
N TYR B 145 -21.85 5.45 17.16
CA TYR B 145 -21.45 4.11 16.78
C TYR B 145 -22.63 3.21 16.40
N GLU B 146 -22.45 2.44 15.33
CA GLU B 146 -23.45 1.47 14.91
C GLU B 146 -22.87 0.07 15.06
N LYS B 147 -23.45 -0.73 15.94
CA LYS B 147 -22.86 -2.04 16.26
C LYS B 147 -22.81 -3.01 15.08
N PRO B 148 -21.66 -3.69 14.90
CA PRO B 148 -21.50 -4.65 13.85
C PRO B 148 -22.70 -5.58 13.82
N GLU B 149 -23.18 -5.88 12.62
CA GLU B 149 -24.40 -6.66 12.43
C GLU B 149 -24.16 -8.15 12.60
N ALA B 150 -23.22 -8.70 11.84
CA ALA B 150 -22.80 -10.07 12.06
C ALA B 150 -21.29 -10.20 11.92
N PRO B 151 -20.53 -9.69 12.92
CA PRO B 151 -19.09 -9.70 12.76
C PRO B 151 -18.58 -11.13 12.88
N GLU B 152 -17.46 -11.43 12.21
CA GLU B 152 -16.79 -12.74 12.35
C GLU B 152 -16.38 -13.09 13.79
N LEU B 153 -16.08 -12.09 14.61
CA LEU B 153 -15.71 -12.35 15.99
C LEU B 153 -16.10 -11.17 16.84
N VAL B 154 -16.58 -11.45 18.05
CA VAL B 154 -16.74 -10.46 19.10
C VAL B 154 -15.67 -10.68 20.15
N LEU B 155 -15.03 -9.61 20.57
CA LEU B 155 -14.13 -9.64 21.71
C LEU B 155 -14.76 -8.84 22.83
N LYS B 156 -15.23 -9.55 23.86
CA LYS B 156 -15.75 -8.89 25.05
C LYS B 156 -14.62 -8.43 25.96
N THR B 157 -14.17 -7.19 25.81
CA THR B 157 -12.92 -6.77 26.45
C THR B 157 -13.13 -6.41 27.92
N ASP B 158 -14.38 -6.33 28.35
CA ASP B 158 -14.73 -6.12 29.78
C ASP B 158 -14.67 -7.40 30.58
N SER B 159 -14.84 -8.54 29.92
CA SER B 159 -14.86 -9.85 30.58
C SER B 159 -13.70 -10.77 30.21
N CYS B 160 -12.93 -10.41 29.17
CA CYS B 160 -11.71 -11.13 28.76
C CYS B 160 -10.49 -10.25 28.92
N ASP B 161 -9.37 -10.81 29.36
CA ASP B 161 -8.13 -10.01 29.34
C ASP B 161 -7.51 -9.98 27.93
N VAL B 162 -6.53 -9.11 27.75
CA VAL B 162 -5.88 -8.91 26.47
C VAL B 162 -5.36 -10.21 25.84
N ASN B 163 -4.67 -11.03 26.63
CA ASN B 163 -4.10 -12.28 26.11
C ASN B 163 -5.15 -13.27 25.68
N ASP B 164 -6.26 -13.31 26.41
CA ASP B 164 -7.40 -14.13 26.01
C ASP B 164 -8.04 -13.64 24.70
N CYS B 165 -8.12 -12.33 24.52
CA CYS B 165 -8.64 -11.75 23.29
C CYS B 165 -7.73 -12.09 22.10
N VAL B 166 -6.41 -11.96 22.30
CA VAL B 166 -5.45 -12.33 21.28
C VAL B 166 -5.66 -13.79 20.86
N GLN B 167 -5.75 -14.72 21.81
CA GLN B 167 -5.97 -16.14 21.46
C GLN B 167 -7.26 -16.36 20.65
N GLN B 168 -8.29 -15.56 20.93
CA GLN B 168 -9.55 -15.63 20.20
C GLN B 168 -9.32 -15.28 18.73
N VAL B 169 -8.62 -14.17 18.48
CA VAL B 169 -8.29 -13.76 17.12
C VAL B 169 -7.41 -14.83 16.45
N VAL B 170 -6.38 -15.31 17.15
CA VAL B 170 -5.47 -16.30 16.57
C VAL B 170 -6.22 -17.57 16.17
N GLU B 171 -7.11 -18.03 17.05
CA GLU B 171 -7.99 -19.18 16.75
C GLU B 171 -8.82 -18.98 15.50
N LEU B 172 -9.39 -17.79 15.34
CA LEU B 172 -10.07 -17.45 14.10
C LEU B 172 -9.14 -17.58 12.89
N LEU B 173 -7.92 -17.06 13.00
CA LEU B 173 -6.99 -17.09 11.89
C LEU B 173 -6.56 -18.51 11.55
N GLN B 174 -6.44 -19.36 12.58
CA GLN B 174 -6.06 -20.77 12.40
C GLN B 174 -7.07 -21.57 11.60
N GLU B 175 -8.35 -21.24 11.79
CA GLU B 175 -9.45 -21.91 11.09
C GLU B 175 -9.41 -21.75 9.58
N ARG B 176 -9.10 -20.53 9.11
CA ARG B 176 -9.14 -20.24 7.70
C ARG B 176 -7.75 -20.23 7.08
N ASP B 177 -6.87 -21.05 7.66
CA ASP B 177 -5.54 -21.36 7.12
C ASP B 177 -4.67 -20.13 6.88
N ILE B 178 -4.80 -19.16 7.78
CA ILE B 178 -4.01 -17.94 7.73
C ILE B 178 -2.74 -18.10 8.59
N VAL B 179 -2.91 -18.59 9.82
CA VAL B 179 -1.82 -18.67 10.80
C VAL B 179 -1.37 -20.09 11.07
SB ADX C . 1.32 8.58 -13.74
O1B ADX C . 2.44 8.20 -12.87
O2B ADX C . 0.15 8.93 -12.92
O3B ADX C . 1.78 9.70 -14.60
PA ADX C . 0.71 5.81 -14.22
O1A ADX C . 2.02 5.07 -14.31
O2A ADX C . -0.15 5.81 -12.99
O3A ADX C . 0.97 7.33 -14.71
O5' ADX C . -0.16 5.26 -15.44
C5' ADX C . 0.49 5.07 -16.70
C4' ADX C . -0.21 3.98 -17.47
O4' ADX C . -1.56 4.43 -17.72
C3' ADX C . 0.43 3.77 -18.86
O3' ADX C . 1.14 2.53 -18.93
C2' ADX C . -0.78 3.76 -19.71
O2' ADX C . -0.94 2.93 -20.72
C1' ADX C . -1.63 4.60 -19.15
N9 ADX C . -2.29 5.72 -19.60
C8 ADX C . -3.59 5.89 -19.75
N7 ADX C . -3.72 7.22 -20.04
C5 ADX C . -2.48 7.82 -19.99
C6 ADX C . -1.98 9.09 -20.20
N6 ADX C . -2.81 10.11 -20.51
N1 ADX C . -0.64 9.35 -20.05
C2 ADX C . 0.22 8.38 -19.72
N3 ADX C . -0.23 7.12 -19.53
C4 ADX C . -1.57 6.84 -19.65
PB DAT D . 6.33 0.21 -18.90
O1B DAT D . 5.20 0.92 -19.61
O2B DAT D . 7.46 1.17 -18.57
O3B DAT D . 5.91 -0.65 -17.73
PA DAT D . 6.84 -2.42 -20.06
O1A DAT D . 7.83 -3.03 -19.10
O2A DAT D . 5.42 -2.93 -20.07
O3A DAT D . 6.91 -0.80 -20.01
O5' DAT D . 7.33 -2.66 -21.57
C5' DAT D . 8.71 -2.69 -21.93
C4' DAT D . 8.88 -3.45 -23.25
O4' DAT D . 10.23 -3.35 -23.70
C3' DAT D . 8.61 -4.92 -23.10
O3' DAT D . 7.91 -5.29 -24.29
C2' DAT D . 9.96 -5.61 -23.09
C1' DAT D . 10.89 -4.62 -23.76
N9 DAT D . 12.26 -4.53 -23.18
C8 DAT D . 13.37 -4.72 -23.91
N7 DAT D . 14.45 -4.59 -23.13
C5 DAT D . 14.02 -4.29 -21.87
C6 DAT D . 14.68 -4.06 -20.67
N6 DAT D . 16.02 -4.08 -20.60
N1 DAT D . 13.96 -3.78 -19.55
C2 DAT D . 12.60 -3.75 -19.61
N3 DAT D . 11.95 -3.99 -20.75
C4 DAT D . 12.63 -4.26 -21.91
PB DAT E . -9.09 2.07 21.75
O1B DAT E . -7.88 1.83 20.89
O2B DAT E . -10.20 1.14 21.39
O3B DAT E . -9.51 3.54 21.91
PA DAT E . -7.23 1.45 23.91
O1A DAT E . -6.65 0.11 23.56
O2A DAT E . -6.44 2.69 23.69
O3A DAT E . -8.70 1.68 23.27
O5' DAT E . -7.74 1.35 25.44
C5' DAT E . -8.06 0.13 26.11
C4' DAT E . -7.85 0.22 27.63
O4' DAT E . -8.62 -0.79 28.30
C3' DAT E . -6.39 -0.05 27.98
O3' DAT E . -6.01 0.79 29.08
C2' DAT E . -6.34 -1.47 28.48
C1' DAT E . -7.76 -1.68 28.99
N9 DAT E . -8.18 -3.08 28.77
C8 DAT E . -8.56 -3.91 29.76
N7 DAT E . -8.84 -5.12 29.24
C5 DAT E . -8.62 -5.04 27.91
C6 DAT E . -8.75 -5.96 26.88
N6 DAT E . -9.18 -7.22 27.15
N1 DAT E . -8.45 -5.60 25.61
C2 DAT E . -8.03 -4.34 25.33
N3 DAT E . -7.89 -3.43 26.30
C4 DAT E . -8.21 -3.76 27.61
#